data_7EMU
#
_entry.id   7EMU
#
_cell.length_a   51.037
_cell.length_b   62.233
_cell.length_c   63.383
_cell.angle_alpha   90.000
_cell.angle_beta   90.000
_cell.angle_gamma   90.000
#
_symmetry.space_group_name_H-M   'P 21 21 21'
#
loop_
_entity.id
_entity.type
_entity.pdbx_description
1 polymer 'Heme acquisition protein HasAp'
2 non-polymer Mn-5,10,15,20-Tetraphenylporphyrin
3 non-polymer GLYCEROL
4 water water
#
_entity_poly.entity_id   1
_entity_poly.type   'polypeptide(L)'
_entity_poly.pdbx_seq_one_letter_code
;MSISISYSTTYSGWTVADYLADWSAYFGDVNHRPGQGVDGSNTGGFNPGPFDGSQYALKSTASDAAFIAGGDLHYTLFSN
PSHTLWGKLDSIALGDTLTGGASSGGYALDSQEVSFSNLGLDSPIAQGRDGTVHKVVYGLMSGDSSALQGQIDALLKAVD
PSLSINSTFDQLAAAGVAHATPA
;
_entity_poly.pdbx_strand_id   A
#
# COMPACT_ATOMS: atom_id res chain seq x y z
N MET A 1 10.69 -11.41 10.13
CA MET A 1 11.07 -10.02 10.54
C MET A 1 9.79 -9.22 10.87
N SER A 2 9.90 -8.31 11.83
CA SER A 2 8.83 -7.41 12.33
C SER A 2 8.52 -6.32 11.31
N ILE A 3 7.31 -5.76 11.35
CA ILE A 3 6.95 -4.61 10.49
C ILE A 3 8.01 -3.52 10.66
N SER A 4 8.37 -2.89 9.55
CA SER A 4 9.30 -1.75 9.49
C SER A 4 8.66 -0.64 8.65
N ILE A 5 8.59 0.55 9.22
CA ILE A 5 7.91 1.70 8.59
C ILE A 5 8.94 2.79 8.32
N SER A 6 8.90 3.38 7.12
N SER A 6 8.95 3.31 7.09
CA SER A 6 9.75 4.53 6.70
CA SER A 6 9.70 4.54 6.72
C SER A 6 8.84 5.72 6.37
C SER A 6 8.68 5.67 6.61
N TYR A 7 9.06 6.86 7.02
CA TYR A 7 8.18 8.05 6.91
C TYR A 7 9.05 9.28 6.69
N SER A 8 8.66 10.14 5.74
N SER A 8 8.57 10.20 5.84
CA SER A 8 9.22 11.50 5.62
CA SER A 8 9.12 11.58 5.70
C SER A 8 9.02 12.22 6.95
C SER A 8 9.02 12.31 7.05
N THR A 9 10.00 13.02 7.37
N THR A 9 10.05 13.06 7.40
CA THR A 9 9.95 13.75 8.67
CA THR A 9 10.08 13.90 8.63
C THR A 9 8.73 14.67 8.73
C THR A 9 8.81 14.75 8.72
N THR A 10 8.21 15.11 7.57
CA THR A 10 6.94 15.88 7.47
C THR A 10 5.82 15.26 8.34
N TYR A 11 5.76 13.93 8.46
CA TYR A 11 4.64 13.20 9.14
C TYR A 11 5.01 12.76 10.56
N SER A 12 6.13 13.25 11.11
CA SER A 12 6.64 12.80 12.43
C SER A 12 5.51 12.80 13.48
N GLY A 13 4.75 13.90 13.54
CA GLY A 13 3.74 14.14 14.58
C GLY A 13 2.36 13.62 14.21
N TRP A 14 2.20 13.03 13.02
CA TRP A 14 0.90 12.51 12.52
C TRP A 14 0.74 11.06 12.95
N THR A 15 -0.48 10.62 13.20
CA THR A 15 -0.78 9.19 13.42
C THR A 15 -0.76 8.47 12.08
N VAL A 16 -0.53 7.17 12.13
CA VAL A 16 -0.55 6.33 10.90
C VAL A 16 -1.95 6.46 10.28
N ALA A 17 -2.99 6.36 11.08
CA ALA A 17 -4.39 6.39 10.58
C ALA A 17 -4.64 7.73 9.89
N ASP A 18 -4.16 8.82 10.49
N ASP A 18 -4.17 8.85 10.46
CA ASP A 18 -4.33 10.18 9.94
CA ASP A 18 -4.44 10.20 9.88
C ASP A 18 -3.68 10.25 8.55
C ASP A 18 -3.66 10.32 8.55
N TYR A 19 -2.43 9.84 8.46
CA TYR A 19 -1.67 9.88 7.20
C TYR A 19 -2.42 9.03 6.16
N LEU A 20 -2.85 7.83 6.52
CA LEU A 20 -3.50 6.92 5.55
C LEU A 20 -4.80 7.54 5.06
N ALA A 21 -5.58 8.16 5.95
CA ALA A 21 -6.84 8.81 5.54
C ALA A 21 -6.51 9.95 4.57
N ASP A 22 -5.49 10.75 4.87
CA ASP A 22 -5.06 11.88 4.01
C ASP A 22 -4.65 11.33 2.64
N TRP A 23 -3.79 10.33 2.63
CA TRP A 23 -3.28 9.80 1.34
C TRP A 23 -4.47 9.25 0.54
N SER A 24 -5.40 8.58 1.22
CA SER A 24 -6.59 7.97 0.58
C SER A 24 -7.38 9.11 -0.12
N ALA A 25 -7.59 10.22 0.58
CA ALA A 25 -8.32 11.38 0.02
C ALA A 25 -7.56 11.95 -1.17
N TYR A 26 -6.23 12.02 -1.07
CA TYR A 26 -5.33 12.49 -2.16
C TYR A 26 -5.50 11.60 -3.39
N PHE A 27 -5.62 10.28 -3.18
CA PHE A 27 -5.78 9.31 -4.29
C PHE A 27 -7.14 9.54 -4.98
N GLY A 28 -8.17 9.93 -4.23
CA GLY A 28 -9.33 10.67 -4.80
C GLY A 28 -10.60 9.86 -5.00
N ASP A 29 -10.75 8.72 -4.33
CA ASP A 29 -11.92 7.84 -4.52
C ASP A 29 -12.60 7.51 -3.18
N VAL A 30 -12.78 8.47 -2.26
CA VAL A 30 -13.29 8.21 -0.88
C VAL A 30 -14.79 7.79 -0.91
N ASN A 31 -15.44 7.78 -2.08
CA ASN A 31 -16.83 7.27 -2.26
C ASN A 31 -16.82 5.84 -2.85
N HIS A 32 -15.66 5.20 -2.91
CA HIS A 32 -15.46 3.74 -3.15
C HIS A 32 -16.03 3.25 -4.49
N ARG A 33 -16.09 4.07 -5.55
N ARG A 33 -16.09 4.17 -5.47
CA ARG A 33 -16.65 3.59 -6.86
CA ARG A 33 -16.33 3.88 -6.90
C ARG A 33 -15.64 2.64 -7.52
C ARG A 33 -15.40 2.74 -7.30
N PRO A 34 -16.08 1.51 -8.13
N PRO A 34 -15.92 1.66 -7.94
CA PRO A 34 -15.15 0.48 -8.62
CA PRO A 34 -15.07 0.62 -8.49
C PRO A 34 -14.27 0.95 -9.80
C PRO A 34 -14.22 1.19 -9.64
N GLY A 35 -12.94 0.78 -9.70
CA GLY A 35 -12.00 1.05 -10.80
C GLY A 35 -11.51 -0.27 -11.38
N GLN A 36 -10.68 -0.28 -12.44
CA GLN A 36 -10.22 -1.57 -13.03
C GLN A 36 -8.71 -1.77 -12.85
N GLY A 37 -8.02 -1.01 -12.00
CA GLY A 37 -6.63 -1.37 -11.60
C GLY A 37 -5.57 -0.82 -12.55
N VAL A 38 -5.97 0.05 -13.48
CA VAL A 38 -5.04 0.62 -14.50
C VAL A 38 -5.22 2.13 -14.48
N ASP A 39 -4.13 2.90 -14.48
CA ASP A 39 -4.23 4.37 -14.53
C ASP A 39 -4.32 4.81 -15.99
N GLY A 40 -4.81 6.02 -16.22
CA GLY A 40 -5.15 6.52 -17.57
C GLY A 40 -3.93 6.69 -18.45
N SER A 41 -2.71 6.75 -17.88
CA SER A 41 -1.46 6.97 -18.65
C SER A 41 -0.61 5.69 -18.70
N ASN A 42 -1.14 4.55 -18.23
CA ASN A 42 -0.39 3.29 -18.10
C ASN A 42 0.97 3.58 -17.47
N THR A 43 1.00 4.43 -16.44
CA THR A 43 2.24 4.78 -15.69
C THR A 43 2.64 3.58 -14.83
N GLY A 44 1.67 2.91 -14.25
CA GLY A 44 1.92 1.72 -13.44
C GLY A 44 1.83 0.45 -14.25
N GLY A 45 1.67 -0.65 -13.51
CA GLY A 45 1.62 -2.00 -14.06
C GLY A 45 2.38 -2.94 -13.18
N PHE A 46 2.74 -4.07 -13.74
CA PHE A 46 3.50 -5.12 -13.05
C PHE A 46 4.95 -5.09 -13.51
N ASN A 47 5.84 -5.36 -12.56
CA ASN A 47 7.29 -5.53 -12.86
C ASN A 47 7.65 -6.93 -12.41
N PRO A 48 8.07 -7.90 -13.24
N PRO A 48 8.00 -7.85 -13.33
CA PRO A 48 8.24 -7.74 -14.70
CA PRO A 48 8.20 -7.50 -14.74
C PRO A 48 6.98 -7.61 -15.57
C PRO A 48 6.94 -7.57 -15.62
N GLY A 49 5.85 -8.12 -15.10
CA GLY A 49 4.63 -8.25 -15.90
C GLY A 49 4.72 -9.41 -16.88
N PRO A 50 3.72 -9.56 -17.76
CA PRO A 50 2.63 -8.60 -17.89
C PRO A 50 1.52 -8.61 -16.83
N PHE A 51 1.32 -9.74 -16.14
CA PHE A 51 0.20 -9.95 -15.19
C PHE A 51 0.67 -10.49 -13.84
N ASP A 52 1.98 -10.49 -13.63
CA ASP A 52 2.62 -11.01 -12.41
C ASP A 52 3.84 -10.15 -12.15
N GLY A 53 4.20 -9.98 -10.90
CA GLY A 53 5.39 -9.15 -10.64
C GLY A 53 5.82 -9.18 -9.19
N SER A 54 7.07 -8.79 -8.99
CA SER A 54 7.57 -8.44 -7.64
C SER A 54 7.02 -7.07 -7.24
N GLN A 55 6.56 -6.27 -8.21
CA GLN A 55 5.86 -4.99 -7.93
C GLN A 55 4.58 -4.92 -8.75
N TYR A 56 3.56 -4.34 -8.13
CA TYR A 56 2.35 -3.83 -8.80
C TYR A 56 2.25 -2.35 -8.42
N ALA A 57 2.23 -1.46 -9.40
CA ALA A 57 2.24 -0.01 -9.18
C ALA A 57 1.02 0.61 -9.83
N LEU A 58 0.43 1.61 -9.18
CA LEU A 58 -0.76 2.28 -9.74
C LEU A 58 -0.73 3.75 -9.37
N LYS A 59 -1.01 4.60 -10.34
CA LYS A 59 -1.24 6.06 -10.16
C LYS A 59 -2.75 6.32 -10.14
N SER A 60 -3.13 7.32 -9.38
CA SER A 60 -4.50 7.87 -9.33
C SER A 60 -4.89 8.43 -10.71
N THR A 61 -6.19 8.39 -11.02
CA THR A 61 -6.78 9.08 -12.20
C THR A 61 -7.22 10.50 -11.80
N ALA A 62 -7.20 10.83 -10.51
CA ALA A 62 -7.70 12.12 -9.97
C ALA A 62 -6.56 13.05 -9.57
N SER A 63 -5.36 12.53 -9.36
CA SER A 63 -4.22 13.30 -8.82
C SER A 63 -2.92 12.58 -9.18
N ASP A 64 -1.81 13.11 -8.68
N ASP A 64 -1.79 13.10 -8.69
CA ASP A 64 -0.46 12.50 -8.84
CA ASP A 64 -0.45 12.49 -8.85
C ASP A 64 -0.22 11.39 -7.82
C ASP A 64 -0.21 11.38 -7.81
N ALA A 65 -1.14 11.15 -6.89
CA ALA A 65 -0.99 10.11 -5.83
C ALA A 65 -0.69 8.76 -6.47
N ALA A 66 0.12 7.94 -5.84
CA ALA A 66 0.44 6.61 -6.39
C ALA A 66 0.91 5.70 -5.26
N PHE A 67 0.86 4.40 -5.51
CA PHE A 67 1.37 3.37 -4.58
C PHE A 67 2.13 2.30 -5.35
N ILE A 68 2.99 1.61 -4.62
CA ILE A 68 3.70 0.41 -5.12
C ILE A 68 3.52 -0.69 -4.09
N ALA A 69 2.93 -1.79 -4.52
CA ALA A 69 2.81 -3.03 -3.75
C ALA A 69 4.00 -3.91 -4.14
N GLY A 70 4.70 -4.44 -3.14
CA GLY A 70 5.88 -5.28 -3.35
C GLY A 70 5.68 -6.67 -2.79
N GLY A 71 6.19 -7.67 -3.49
CA GLY A 71 6.18 -9.05 -2.99
C GLY A 71 6.30 -10.02 -4.14
N ASP A 72 5.33 -10.91 -4.26
CA ASP A 72 5.24 -11.90 -5.35
C ASP A 72 3.77 -11.98 -5.73
N LEU A 73 3.37 -11.11 -6.65
CA LEU A 73 1.95 -10.80 -6.89
C LEU A 73 1.51 -11.32 -8.26
N HIS A 74 0.25 -11.69 -8.33
CA HIS A 74 -0.36 -12.36 -9.48
C HIS A 74 -1.74 -11.76 -9.73
N TYR A 75 -2.07 -11.49 -10.98
CA TYR A 75 -3.42 -11.01 -11.37
C TYR A 75 -4.08 -12.04 -12.28
N THR A 76 -5.29 -12.46 -11.94
CA THR A 76 -5.98 -13.53 -12.69
C THR A 76 -6.62 -13.03 -13.99
N LEU A 77 -6.80 -11.73 -14.17
CA LEU A 77 -7.41 -11.18 -15.41
C LEU A 77 -8.79 -11.83 -15.56
N PHE A 78 -9.08 -12.51 -16.66
CA PHE A 78 -10.42 -13.11 -16.87
C PHE A 78 -10.52 -14.55 -16.36
N SER A 79 -9.43 -15.13 -15.86
N SER A 79 -9.43 -15.12 -15.85
CA SER A 79 -9.37 -16.52 -15.37
CA SER A 79 -9.38 -16.52 -15.38
C SER A 79 -10.08 -16.61 -14.02
C SER A 79 -10.07 -16.61 -14.02
N ASN A 80 -10.86 -17.66 -13.79
CA ASN A 80 -11.59 -17.82 -12.51
C ASN A 80 -10.54 -18.03 -11.42
N PRO A 81 -10.60 -17.36 -10.25
CA PRO A 81 -11.56 -16.29 -9.96
C PRO A 81 -11.13 -14.96 -10.58
N SER A 82 -11.97 -14.37 -11.41
CA SER A 82 -11.58 -13.22 -12.26
C SER A 82 -11.18 -12.02 -11.40
N HIS A 83 -10.29 -11.21 -11.97
CA HIS A 83 -9.88 -9.89 -11.44
C HIS A 83 -9.50 -10.03 -9.97
N THR A 84 -8.66 -11.02 -9.67
CA THR A 84 -8.12 -11.27 -8.33
C THR A 84 -6.62 -10.92 -8.33
N LEU A 85 -6.21 -10.10 -7.38
CA LEU A 85 -4.78 -9.89 -7.08
C LEU A 85 -4.44 -10.77 -5.87
N TRP A 86 -3.53 -11.71 -6.06
CA TRP A 86 -3.17 -12.68 -5.00
C TRP A 86 -1.65 -12.89 -4.97
N GLY A 87 -1.22 -13.68 -4.00
CA GLY A 87 0.20 -13.99 -3.79
C GLY A 87 0.72 -13.37 -2.51
N LYS A 88 2.00 -13.02 -2.51
CA LYS A 88 2.70 -12.52 -1.31
C LYS A 88 2.76 -11.01 -1.39
N LEU A 89 2.29 -10.34 -0.34
CA LEU A 89 2.42 -8.88 -0.20
C LEU A 89 3.36 -8.63 0.98
N ASP A 90 4.56 -8.15 0.66
CA ASP A 90 5.59 -7.81 1.67
C ASP A 90 5.56 -6.32 2.01
N SER A 91 5.22 -5.45 1.06
CA SER A 91 5.39 -3.99 1.25
C SER A 91 4.35 -3.18 0.51
N ILE A 92 4.06 -2.02 1.08
CA ILE A 92 3.24 -0.95 0.45
C ILE A 92 4.02 0.34 0.61
N ALA A 93 4.30 1.01 -0.49
CA ALA A 93 4.91 2.34 -0.54
C ALA A 93 3.85 3.32 -1.05
N LEU A 94 3.64 4.41 -0.33
CA LEU A 94 2.66 5.45 -0.67
C LEU A 94 3.37 6.76 -0.93
N GLY A 95 2.89 7.50 -1.91
CA GLY A 95 3.40 8.85 -2.17
C GLY A 95 2.85 9.35 -3.48
N ASP A 96 3.70 9.94 -4.30
CA ASP A 96 3.27 10.46 -5.62
C ASP A 96 4.44 10.44 -6.60
N THR A 97 4.16 10.78 -7.85
CA THR A 97 5.19 10.89 -8.91
C THR A 97 5.79 9.49 -9.12
N LEU A 98 4.93 8.57 -9.49
CA LEU A 98 5.31 7.19 -9.89
C LEU A 98 6.16 7.27 -11.16
N THR A 99 7.32 6.61 -11.15
N THR A 99 7.31 6.59 -11.14
CA THR A 99 8.23 6.51 -12.31
CA THR A 99 8.32 6.55 -12.22
C THR A 99 8.74 5.08 -12.46
C THR A 99 8.83 5.12 -12.39
N GLY A 100 9.48 4.83 -13.53
CA GLY A 100 10.18 3.56 -13.75
C GLY A 100 9.28 2.48 -14.29
N GLY A 101 9.70 1.22 -14.08
CA GLY A 101 9.07 0.02 -14.67
C GLY A 101 10.12 -1.06 -14.86
N ALA A 102 9.74 -2.15 -15.54
CA ALA A 102 10.61 -3.32 -15.78
C ALA A 102 11.95 -2.88 -16.36
N SER A 103 11.91 -1.99 -17.36
N SER A 103 11.93 -2.00 -17.37
CA SER A 103 13.07 -1.50 -18.15
CA SER A 103 13.13 -1.55 -18.13
C SER A 103 13.99 -0.62 -17.30
C SER A 103 14.03 -0.66 -17.26
N SER A 104 13.46 0.01 -16.25
CA SER A 104 14.16 1.00 -15.38
C SER A 104 14.73 0.33 -14.11
N GLY A 105 14.65 -1.00 -14.01
CA GLY A 105 15.09 -1.74 -12.80
C GLY A 105 14.06 -1.59 -11.69
N GLY A 106 12.83 -1.25 -12.06
CA GLY A 106 11.68 -1.27 -11.15
C GLY A 106 10.94 0.06 -11.08
N TYR A 107 9.79 0.02 -10.45
CA TYR A 107 8.97 1.22 -10.16
C TYR A 107 9.54 1.91 -8.93
N ALA A 108 9.38 3.23 -8.90
CA ALA A 108 9.78 4.08 -7.76
C ALA A 108 8.78 5.22 -7.62
N LEU A 109 8.67 5.74 -6.42
CA LEU A 109 7.94 7.00 -6.13
C LEU A 109 9.00 8.09 -5.98
N ASP A 110 8.96 9.07 -6.89
N ASP A 110 8.96 9.11 -6.84
CA ASP A 110 9.88 10.25 -6.89
CA ASP A 110 9.96 10.22 -6.82
C ASP A 110 9.69 10.99 -5.57
C ASP A 110 9.65 11.15 -5.65
N SER A 111 8.48 10.99 -5.03
CA SER A 111 8.16 11.48 -3.67
C SER A 111 7.58 10.31 -2.87
N GLN A 112 8.44 9.56 -2.20
CA GLN A 112 7.97 8.44 -1.33
C GLN A 112 7.67 9.03 0.06
N GLU A 113 6.41 9.04 0.44
CA GLU A 113 5.95 9.66 1.71
C GLU A 113 6.14 8.65 2.84
N VAL A 114 5.51 7.48 2.72
CA VAL A 114 5.46 6.45 3.81
C VAL A 114 5.57 5.07 3.17
N SER A 115 6.29 4.14 3.80
CA SER A 115 6.31 2.73 3.35
C SER A 115 6.18 1.81 4.56
N PHE A 116 5.50 0.70 4.34
CA PHE A 116 5.28 -0.40 5.30
C PHE A 116 5.90 -1.64 4.70
N SER A 117 6.88 -2.22 5.38
CA SER A 117 7.65 -3.40 4.93
C SER A 117 7.47 -4.54 5.93
N ASN A 118 7.75 -5.77 5.50
CA ASN A 118 7.59 -7.01 6.29
C ASN A 118 6.13 -7.19 6.70
N LEU A 119 5.20 -6.96 5.77
CA LEU A 119 3.76 -7.12 6.08
C LEU A 119 3.40 -8.60 6.24
N GLY A 120 4.15 -9.52 5.64
CA GLY A 120 3.98 -10.98 5.85
C GLY A 120 2.63 -11.49 5.40
N LEU A 121 2.01 -10.85 4.40
CA LEU A 121 0.69 -11.28 3.90
C LEU A 121 0.88 -12.24 2.72
N ASP A 122 0.09 -13.31 2.72
N ASP A 122 0.04 -13.29 2.63
CA ASP A 122 0.06 -14.32 1.64
CA ASP A 122 0.12 -14.30 1.55
C ASP A 122 -1.39 -14.73 1.46
C ASP A 122 -1.25 -14.94 1.34
N SER A 123 -1.94 -14.54 0.27
CA SER A 123 -3.31 -15.01 -0.07
C SER A 123 -3.25 -15.97 -1.23
N PRO A 124 -3.89 -17.15 -1.13
CA PRO A 124 -3.94 -18.10 -2.23
C PRO A 124 -4.98 -17.69 -3.27
N ILE A 125 -4.84 -18.21 -4.49
CA ILE A 125 -5.76 -17.88 -5.61
C ILE A 125 -7.19 -18.30 -5.24
N ALA A 126 -7.38 -19.41 -4.49
CA ALA A 126 -8.70 -20.02 -4.23
C ALA A 126 -9.61 -19.04 -3.48
N GLN A 127 -9.06 -18.06 -2.75
CA GLN A 127 -9.87 -17.10 -1.96
C GLN A 127 -10.44 -16.02 -2.87
N GLY A 128 -9.96 -15.90 -4.11
CA GLY A 128 -10.48 -14.86 -5.00
C GLY A 128 -10.37 -13.48 -4.37
N ARG A 129 -11.35 -12.62 -4.61
CA ARG A 129 -11.33 -11.22 -4.15
C ARG A 129 -11.61 -11.13 -2.63
N ASP A 130 -11.86 -12.26 -1.97
CA ASP A 130 -11.95 -12.35 -0.49
C ASP A 130 -10.54 -12.40 0.12
N GLY A 131 -9.50 -12.63 -0.67
CA GLY A 131 -8.14 -12.73 -0.12
C GLY A 131 -7.71 -11.44 0.55
N THR A 132 -6.97 -11.53 1.65
CA THR A 132 -6.49 -10.33 2.35
C THR A 132 -5.63 -9.48 1.43
N VAL A 133 -4.74 -10.09 0.63
CA VAL A 133 -3.87 -9.28 -0.26
C VAL A 133 -4.77 -8.44 -1.20
N HIS A 134 -5.75 -9.07 -1.82
CA HIS A 134 -6.68 -8.36 -2.74
C HIS A 134 -7.34 -7.20 -2.00
N LYS A 135 -7.90 -7.47 -0.82
CA LYS A 135 -8.66 -6.44 -0.04
C LYS A 135 -7.75 -5.29 0.35
N VAL A 136 -6.53 -5.60 0.78
CA VAL A 136 -5.56 -4.55 1.23
C VAL A 136 -5.24 -3.64 0.03
N VAL A 137 -4.85 -4.21 -1.11
CA VAL A 137 -4.40 -3.40 -2.25
C VAL A 137 -5.62 -2.72 -2.90
N TYR A 138 -6.74 -3.43 -3.02
CA TYR A 138 -7.94 -2.86 -3.67
C TYR A 138 -8.42 -1.63 -2.88
N GLY A 139 -8.31 -1.68 -1.55
CA GLY A 139 -8.67 -0.56 -0.68
C GLY A 139 -7.89 0.69 -1.04
N LEU A 140 -6.61 0.54 -1.40
CA LEU A 140 -5.73 1.68 -1.76
C LEU A 140 -6.11 2.30 -3.09
N MET A 141 -6.88 1.63 -3.94
N MET A 141 -6.77 1.53 -3.97
CA MET A 141 -7.36 2.39 -5.12
CA MET A 141 -7.23 2.04 -5.30
C MET A 141 -8.85 2.73 -4.98
C MET A 141 -8.70 2.43 -5.24
N SER A 142 -9.51 2.34 -3.88
N SER A 142 -9.29 2.51 -4.03
CA SER A 142 -10.98 2.42 -3.71
CA SER A 142 -10.74 2.78 -3.85
C SER A 142 -11.37 3.17 -2.43
C SER A 142 -11.00 3.84 -2.76
N GLY A 143 -10.42 3.87 -1.81
N GLY A 143 -9.96 4.50 -2.24
CA GLY A 143 -10.68 4.87 -0.75
CA GLY A 143 -10.12 5.58 -1.25
C GLY A 143 -10.99 4.27 0.61
C GLY A 143 -10.45 5.07 0.13
N ASP A 144 -10.58 3.02 0.87
N ASP A 144 -10.22 3.77 0.36
CA ASP A 144 -10.88 2.28 2.12
CA ASP A 144 -10.48 3.09 1.66
C ASP A 144 -9.65 1.44 2.50
C ASP A 144 -9.19 2.40 2.09
N SER A 145 -8.83 1.96 3.41
N SER A 145 -8.36 3.07 2.91
CA SER A 145 -7.55 1.36 3.84
CA SER A 145 -7.13 2.45 3.46
C SER A 145 -7.76 0.44 5.05
C SER A 145 -7.49 1.63 4.71
N SER A 146 -9.02 0.09 5.37
N SER A 146 -8.77 1.43 5.00
CA SER A 146 -9.34 -0.65 6.61
CA SER A 146 -9.27 0.71 6.21
C SER A 146 -8.60 -2.00 6.63
C SER A 146 -8.62 -0.67 6.31
N ALA A 147 -8.47 -2.69 5.50
N ALA A 147 -8.59 -1.45 5.22
CA ALA A 147 -7.83 -4.03 5.48
CA ALA A 147 -8.03 -2.82 5.21
C ALA A 147 -6.33 -3.89 5.74
C ALA A 147 -6.54 -2.74 5.56
N LEU A 148 -5.68 -2.91 5.10
N LEU A 148 -5.79 -1.83 4.93
CA LEU A 148 -4.26 -2.59 5.36
CA LEU A 148 -4.34 -1.69 5.20
C LEU A 148 -4.09 -2.28 6.86
C LEU A 148 -4.16 -1.27 6.65
N GLN A 149 -4.98 -1.48 7.43
N GLN A 149 -4.99 -0.36 7.14
CA GLN A 149 -4.86 -1.02 8.84
CA GLN A 149 -4.90 0.12 8.55
C GLN A 149 -5.05 -2.20 9.80
C GLN A 149 -5.03 -1.07 9.50
N GLY A 150 -5.99 -3.11 9.54
N GLY A 150 -5.94 -2.00 9.20
CA GLY A 150 -6.16 -4.34 10.33
CA GLY A 150 -6.21 -3.19 10.03
C GLY A 150 -4.83 -5.07 10.41
C GLY A 150 -4.98 -4.04 10.24
N GLN A 151 -4.13 -5.12 9.28
N GLN A 151 -4.33 -4.47 9.16
CA GLN A 151 -2.81 -5.78 9.17
CA GLN A 151 -3.20 -5.43 9.19
C GLN A 151 -1.75 -4.90 9.87
C GLN A 151 -2.05 -4.82 10.00
N ILE A 152 -1.69 -3.59 9.64
CA ILE A 152 -0.64 -2.76 10.31
C ILE A 152 -0.89 -2.81 11.82
N ASP A 153 -2.14 -2.66 12.25
CA ASP A 153 -2.43 -2.58 13.70
C ASP A 153 -2.01 -3.91 14.34
N ALA A 154 -2.32 -5.05 13.70
CA ALA A 154 -2.01 -6.41 14.19
C ALA A 154 -0.49 -6.56 14.28
N LEU A 155 0.23 -6.13 13.24
CA LEU A 155 1.70 -6.26 13.19
C LEU A 155 2.34 -5.38 14.27
N LEU A 156 1.83 -4.15 14.47
CA LEU A 156 2.38 -3.27 15.52
C LEU A 156 2.17 -3.91 16.89
N LYS A 157 0.99 -4.48 17.15
CA LYS A 157 0.69 -5.05 18.49
C LYS A 157 1.51 -6.33 18.74
N ALA A 158 1.89 -7.06 17.70
CA ALA A 158 2.76 -8.26 17.78
C ALA A 158 4.13 -7.83 18.34
N VAL A 159 4.56 -6.61 18.05
CA VAL A 159 5.84 -6.05 18.57
C VAL A 159 5.61 -5.50 19.97
N ASP A 160 4.59 -4.65 20.14
CA ASP A 160 4.36 -3.91 21.41
C ASP A 160 2.87 -3.61 21.49
N PRO A 161 2.15 -4.08 22.54
N PRO A 161 2.10 -4.34 22.33
CA PRO A 161 0.69 -3.92 22.61
CA PRO A 161 0.64 -4.19 22.33
C PRO A 161 0.19 -2.49 22.85
C PRO A 161 0.15 -2.77 22.64
N SER A 162 1.09 -1.57 23.24
N SER A 162 1.03 -1.88 23.13
CA SER A 162 0.77 -0.14 23.43
CA SER A 162 0.77 -0.44 23.39
C SER A 162 0.85 0.61 22.09
C SER A 162 0.59 0.36 22.09
N LEU A 163 1.23 -0.08 21.00
CA LEU A 163 1.26 0.58 19.67
C LEU A 163 -0.03 0.29 18.91
N SER A 164 -0.37 1.17 17.97
CA SER A 164 -1.58 1.03 17.12
C SER A 164 -1.45 1.95 15.92
N ILE A 165 -2.44 1.90 15.02
CA ILE A 165 -2.49 2.86 13.89
C ILE A 165 -2.78 4.27 14.43
N ASN A 166 -3.09 4.41 15.74
CA ASN A 166 -3.26 5.75 16.37
C ASN A 166 -1.96 6.24 16.99
N SER A 167 -0.87 5.48 16.90
CA SER A 167 0.48 5.95 17.28
C SER A 167 0.96 6.94 16.22
N THR A 168 1.71 7.97 16.62
CA THR A 168 2.41 8.85 15.66
C THR A 168 3.62 8.11 15.09
N PHE A 169 4.08 8.55 13.93
CA PHE A 169 5.32 8.00 13.32
C PHE A 169 6.50 8.14 14.31
N ASP A 170 6.63 9.29 14.99
N ASP A 170 6.61 9.30 14.98
CA ASP A 170 7.72 9.50 15.98
CA ASP A 170 7.67 9.53 15.99
C ASP A 170 7.58 8.51 17.15
C ASP A 170 7.56 8.47 17.10
N GLN A 171 6.35 8.22 17.60
CA GLN A 171 6.12 7.21 18.68
C GLN A 171 6.55 5.83 18.19
N LEU A 172 6.26 5.49 16.94
CA LEU A 172 6.69 4.20 16.37
C LEU A 172 8.22 4.15 16.22
N ALA A 173 8.87 5.25 15.87
CA ALA A 173 10.35 5.32 15.81
C ALA A 173 10.92 5.10 17.22
N ALA A 174 10.34 5.72 18.24
CA ALA A 174 10.81 5.56 19.64
C ALA A 174 10.66 4.10 20.08
N ALA A 175 9.69 3.36 19.51
CA ALA A 175 9.42 1.95 19.84
C ALA A 175 10.18 0.99 18.90
N GLY A 176 11.01 1.54 18.00
CA GLY A 176 11.95 0.74 17.17
C GLY A 176 11.36 0.15 15.91
N VAL A 177 10.17 0.58 15.47
CA VAL A 177 9.51 -0.08 14.30
C VAL A 177 9.42 0.88 13.11
N ALA A 178 9.85 2.13 13.25
CA ALA A 178 9.76 3.16 12.20
C ALA A 178 11.04 3.98 12.18
N HIS A 179 11.36 4.57 11.03
CA HIS A 179 12.51 5.48 10.88
C HIS A 179 12.16 6.58 9.87
N ALA A 180 12.63 7.79 10.17
CA ALA A 180 12.37 8.99 9.36
C ALA A 180 13.30 9.03 8.15
N THR A 181 12.78 9.58 7.05
CA THR A 181 13.51 9.90 5.81
C THR A 181 13.43 11.41 5.58
N PRO A 182 14.35 11.99 4.78
CA PRO A 182 14.30 13.41 4.45
C PRO A 182 12.97 13.91 3.85
N ALA A 183 12.55 15.11 4.24
CA ALA A 183 11.31 15.78 3.76
C ALA A 183 11.39 15.99 2.24
#